data_3WJO
#
_entry.id   3WJO
#
_cell.length_a   117.458
_cell.length_b   130.870
_cell.length_c   46.412
_cell.angle_alpha   90.00
_cell.angle_beta   90.00
_cell.angle_gamma   90.00
#
_symmetry.space_group_name_H-M   'P 21 21 2'
#
loop_
_entity.id
_entity.type
_entity.pdbx_description
1 polymer 'Octaprenyl diphosphate synthase'
2 non-polymer '3-METHYLBUT-3-ENYL TRIHYDROGEN DIPHOSPHATE'
3 water water
#
_entity_poly.entity_id   1
_entity_poly.type   'polypeptide(L)'
_entity_poly.pdbx_seq_one_letter_code
;MAHHHHHHVDDDDKMNLEKINELTAQDMAGVNAAILEQLNSDVQLINQLGYYIVSGGGKRIRPMIAVLAARAVGYEGNAH
VTIAALIEFIHTATLLHDDVVDESDMRRGKATANAAFGNAASVLVGDFIYTRAFQMMTSLGSLKVLEVMSEAVNVIAEGE
VLQLMNVNDPDITEENYMRVIYSKTARLFEAAAQCSGILAGCTPEEEKGLQDYGRYLGTAFQLIDDLLDYNADGEQLGKN
VGDDLNEGKPTLPLLHAMHHGTPEQAQMIRTAIEQGNGRHLLEPVLEAMNACGSLEWTRQRAEEEADKAIAALQVLPDTP
WREALIGLAHIAVQRDR
;
_entity_poly.pdbx_strand_id   A,B
#
loop_
_chem_comp.id
_chem_comp.type
_chem_comp.name
_chem_comp.formula
IPE non-polymer '3-METHYLBUT-3-ENYL TRIHYDROGEN DIPHOSPHATE' 'C5 H12 O7 P2'
#
# COMPACT_ATOMS: atom_id res chain seq x y z
N MET A 15 -30.34 20.30 10.67
CA MET A 15 -30.89 18.99 10.18
C MET A 15 -30.35 17.86 11.05
N ASN A 16 -31.06 16.75 11.15
CA ASN A 16 -30.54 15.68 11.97
C ASN A 16 -30.40 14.34 11.24
N LEU A 17 -29.71 13.43 11.92
CA LEU A 17 -29.37 12.09 11.44
C LEU A 17 -30.25 11.40 10.42
N GLU A 18 -31.43 10.95 10.83
CA GLU A 18 -32.32 10.26 9.92
C GLU A 18 -32.75 11.07 8.70
N LYS A 19 -32.72 12.39 8.83
CA LYS A 19 -33.08 13.27 7.73
C LYS A 19 -31.94 13.26 6.74
N ILE A 20 -30.76 12.91 7.26
CA ILE A 20 -29.56 12.83 6.46
C ILE A 20 -29.42 11.41 5.92
N ASN A 21 -29.73 10.42 6.75
CA ASN A 21 -29.65 9.02 6.34
C ASN A 21 -30.62 8.76 5.19
N GLU A 22 -31.68 9.56 5.12
CA GLU A 22 -32.69 9.41 4.08
C GLU A 22 -32.41 10.31 2.89
N LEU A 23 -31.88 11.51 3.14
CA LEU A 23 -31.55 12.45 2.08
C LEU A 23 -30.45 11.86 1.21
N THR A 24 -29.50 11.22 1.88
CA THR A 24 -28.35 10.62 1.24
C THR A 24 -28.48 9.10 1.14
N ALA A 25 -29.67 8.59 1.39
CA ALA A 25 -29.93 7.16 1.34
C ALA A 25 -29.61 6.47 0.01
N GLN A 26 -30.08 7.08 -1.08
CA GLN A 26 -29.88 6.53 -2.41
C GLN A 26 -28.40 6.47 -2.82
N ASP A 27 -27.66 7.55 -2.57
CA ASP A 27 -26.24 7.57 -2.91
C ASP A 27 -25.48 6.53 -2.08
N MET A 28 -25.48 6.68 -0.75
CA MET A 28 -24.78 5.75 0.13
C MET A 28 -25.06 4.28 -0.21
N ALA A 29 -26.25 4.00 -0.73
CA ALA A 29 -26.58 2.63 -1.10
C ALA A 29 -25.70 2.27 -2.30
N GLY A 30 -25.48 3.25 -3.18
CA GLY A 30 -24.67 3.06 -4.37
C GLY A 30 -23.20 3.00 -3.99
N VAL A 31 -22.82 3.82 -3.01
CA VAL A 31 -21.44 3.81 -2.52
C VAL A 31 -21.16 2.41 -1.99
N ASN A 32 -22.15 1.82 -1.31
CA ASN A 32 -22.01 0.48 -0.74
C ASN A 32 -21.87 -0.62 -1.79
N ALA A 33 -22.63 -0.50 -2.86
CA ALA A 33 -22.56 -1.49 -3.92
C ALA A 33 -21.22 -1.31 -4.64
N ALA A 34 -20.81 -0.05 -4.79
CA ALA A 34 -19.54 0.28 -5.46
C ALA A 34 -18.36 -0.37 -4.73
N ILE A 35 -18.40 -0.36 -3.40
CA ILE A 35 -17.35 -0.94 -2.60
C ILE A 35 -17.27 -2.45 -2.83
N LEU A 36 -18.32 -3.14 -2.43
CA LEU A 36 -18.44 -4.60 -2.55
C LEU A 36 -18.21 -5.13 -3.96
N GLU A 37 -18.50 -4.29 -4.93
CA GLU A 37 -18.36 -4.59 -6.35
C GLU A 37 -16.90 -4.86 -6.73
N GLN A 38 -15.98 -4.16 -6.07
CA GLN A 38 -14.55 -4.28 -6.33
C GLN A 38 -13.85 -5.45 -5.65
N LEU A 39 -14.52 -6.11 -4.72
CA LEU A 39 -13.92 -7.28 -4.07
C LEU A 39 -14.13 -8.36 -5.12
N ASN A 40 -13.35 -8.24 -6.21
CA ASN A 40 -13.40 -9.09 -7.40
C ASN A 40 -12.38 -10.20 -7.55
N SER A 41 -11.31 -10.15 -6.76
CA SER A 41 -10.23 -11.10 -6.87
C SER A 41 -10.60 -12.57 -7.07
N ASP A 42 -9.80 -13.27 -7.87
CA ASP A 42 -10.01 -14.69 -8.08
C ASP A 42 -9.42 -15.32 -6.85
N VAL A 43 -8.60 -14.53 -6.15
CA VAL A 43 -7.96 -14.97 -4.91
C VAL A 43 -8.98 -14.76 -3.82
N GLN A 44 -9.64 -15.85 -3.41
CA GLN A 44 -10.69 -15.75 -2.41
C GLN A 44 -10.35 -15.10 -1.09
N LEU A 45 -9.15 -15.33 -0.56
CA LEU A 45 -8.78 -14.73 0.73
C LEU A 45 -8.95 -13.22 0.72
N ILE A 46 -8.76 -12.62 -0.44
CA ILE A 46 -8.90 -11.17 -0.58
C ILE A 46 -10.32 -10.69 -0.36
N ASN A 47 -11.27 -11.38 -0.98
CA ASN A 47 -12.66 -10.99 -0.85
C ASN A 47 -13.18 -11.35 0.55
N GLN A 48 -12.76 -12.50 1.07
CA GLN A 48 -13.18 -12.92 2.40
C GLN A 48 -12.85 -11.86 3.44
N LEU A 49 -11.56 -11.60 3.60
CA LEU A 49 -11.09 -10.63 4.57
C LEU A 49 -11.74 -9.28 4.29
N GLY A 50 -11.96 -8.99 3.01
CA GLY A 50 -12.56 -7.73 2.63
C GLY A 50 -13.96 -7.59 3.16
N TYR A 51 -14.82 -8.57 2.86
CA TYR A 51 -16.20 -8.54 3.31
C TYR A 51 -16.20 -8.45 4.83
N TYR A 52 -15.36 -9.27 5.44
CA TYR A 52 -15.25 -9.31 6.90
C TYR A 52 -15.08 -7.95 7.53
N ILE A 53 -14.21 -7.12 6.97
CA ILE A 53 -13.93 -5.82 7.57
C ILE A 53 -14.86 -4.68 7.13
N VAL A 54 -15.28 -4.65 5.87
CA VAL A 54 -16.15 -3.56 5.43
C VAL A 54 -17.62 -3.75 5.82
N SER A 55 -17.96 -4.94 6.29
CA SER A 55 -19.32 -5.25 6.70
C SER A 55 -19.48 -5.29 8.22
N GLY A 56 -18.59 -4.62 8.94
CA GLY A 56 -18.66 -4.61 10.39
C GLY A 56 -19.29 -3.36 10.96
N GLY A 57 -20.12 -2.68 10.16
CA GLY A 57 -20.77 -1.47 10.64
C GLY A 57 -20.16 -0.19 10.11
N GLY A 58 -18.87 -0.01 10.38
CA GLY A 58 -18.18 1.19 9.92
C GLY A 58 -18.72 2.49 10.49
N LYS A 59 -19.26 3.34 9.62
CA LYS A 59 -19.79 4.64 10.03
C LYS A 59 -20.12 5.39 8.75
N ARG A 60 -19.25 5.21 7.77
CA ARG A 60 -19.36 5.79 6.45
C ARG A 60 -19.44 7.31 6.40
N ILE A 61 -18.87 8.00 7.39
CA ILE A 61 -18.90 9.46 7.35
C ILE A 61 -18.07 10.03 6.23
N ARG A 62 -16.82 9.57 6.10
CA ARG A 62 -15.95 10.09 5.07
C ARG A 62 -16.65 10.02 3.71
N PRO A 63 -17.27 8.87 3.40
CA PRO A 63 -17.96 8.78 2.10
C PRO A 63 -19.19 9.68 2.09
N MET A 64 -19.96 9.66 3.18
CA MET A 64 -21.16 10.49 3.28
C MET A 64 -20.78 11.95 3.04
N ILE A 65 -19.62 12.35 3.55
CA ILE A 65 -19.15 13.72 3.35
C ILE A 65 -18.84 13.90 1.87
N ALA A 66 -18.25 12.87 1.27
CA ALA A 66 -17.87 12.90 -0.14
C ALA A 66 -19.09 13.14 -1.03
N VAL A 67 -20.09 12.28 -0.88
CA VAL A 67 -21.32 12.38 -1.63
C VAL A 67 -22.03 13.73 -1.39
N LEU A 68 -22.06 14.18 -0.13
CA LEU A 68 -22.71 15.44 0.20
C LEU A 68 -22.02 16.62 -0.45
N ALA A 69 -20.69 16.66 -0.36
CA ALA A 69 -19.89 17.74 -0.96
C ALA A 69 -20.25 17.93 -2.43
N ALA A 70 -20.35 16.83 -3.17
CA ALA A 70 -20.72 16.89 -4.58
C ALA A 70 -22.13 17.44 -4.82
N ARG A 71 -23.14 16.76 -4.28
CA ARG A 71 -24.54 17.18 -4.43
C ARG A 71 -24.72 18.66 -4.08
N ALA A 72 -23.99 19.12 -3.07
CA ALA A 72 -24.09 20.49 -2.61
C ALA A 72 -23.62 21.54 -3.62
N VAL A 73 -22.80 21.11 -4.57
CA VAL A 73 -22.30 22.06 -5.57
C VAL A 73 -22.94 21.88 -6.93
N GLY A 74 -24.08 21.18 -6.97
CA GLY A 74 -24.80 20.97 -8.21
C GLY A 74 -24.61 19.68 -8.98
N TYR A 75 -23.64 18.86 -8.58
CA TYR A 75 -23.39 17.62 -9.29
C TYR A 75 -24.65 16.75 -9.40
N GLU A 76 -24.85 16.13 -10.56
CA GLU A 76 -26.01 15.28 -10.80
C GLU A 76 -25.61 13.92 -11.37
N GLY A 77 -24.30 13.66 -11.44
CA GLY A 77 -23.82 12.40 -11.96
C GLY A 77 -23.77 11.31 -10.90
N ASN A 78 -22.95 10.29 -11.13
CA ASN A 78 -22.82 9.18 -10.19
C ASN A 78 -21.37 8.80 -10.02
N ALA A 79 -20.48 9.74 -10.30
CA ALA A 79 -19.04 9.50 -10.17
C ALA A 79 -18.62 9.84 -8.75
N HIS A 80 -19.45 10.61 -8.05
CA HIS A 80 -19.15 10.96 -6.67
C HIS A 80 -19.34 9.68 -5.86
N VAL A 81 -20.14 8.77 -6.39
CA VAL A 81 -20.40 7.47 -5.76
C VAL A 81 -19.16 6.60 -5.80
N THR A 82 -18.32 6.81 -6.81
CA THR A 82 -17.10 6.04 -6.97
C THR A 82 -15.94 6.57 -6.14
N ILE A 83 -15.83 7.90 -6.03
CA ILE A 83 -14.76 8.50 -5.24
C ILE A 83 -15.02 8.27 -3.75
N ALA A 84 -16.29 8.36 -3.34
CA ALA A 84 -16.68 8.13 -1.95
C ALA A 84 -16.35 6.70 -1.60
N ALA A 85 -16.61 5.80 -2.55
CA ALA A 85 -16.31 4.39 -2.33
C ALA A 85 -14.81 4.14 -2.19
N LEU A 86 -13.98 4.75 -3.03
CA LEU A 86 -12.54 4.52 -2.96
C LEU A 86 -11.92 5.12 -1.69
N ILE A 87 -12.52 6.18 -1.19
CA ILE A 87 -12.05 6.82 0.03
C ILE A 87 -12.32 5.89 1.21
N GLU A 88 -13.42 5.14 1.13
CA GLU A 88 -13.76 4.24 2.19
C GLU A 88 -12.77 3.09 2.14
N PHE A 89 -12.41 2.65 0.94
CA PHE A 89 -11.42 1.58 0.79
C PHE A 89 -10.09 2.04 1.40
N ILE A 90 -9.73 3.30 1.16
CA ILE A 90 -8.48 3.83 1.69
C ILE A 90 -8.54 3.80 3.21
N HIS A 91 -9.61 4.36 3.76
CA HIS A 91 -9.78 4.36 5.21
C HIS A 91 -9.65 2.92 5.69
N THR A 92 -10.36 2.02 5.00
CA THR A 92 -10.36 0.60 5.34
C THR A 92 -8.94 0.07 5.38
N ALA A 93 -8.17 0.40 4.35
CA ALA A 93 -6.79 -0.07 4.29
C ALA A 93 -5.94 0.42 5.47
N THR A 94 -6.06 1.69 5.86
CA THR A 94 -5.25 2.17 6.98
C THR A 94 -5.70 1.49 8.28
N LEU A 95 -6.95 1.08 8.36
CA LEU A 95 -7.43 0.40 9.55
C LEU A 95 -6.75 -0.98 9.63
N LEU A 96 -6.74 -1.68 8.50
CA LEU A 96 -6.11 -2.98 8.43
C LEU A 96 -4.67 -2.89 8.90
N HIS A 97 -3.92 -1.92 8.36
CA HIS A 97 -2.53 -1.79 8.75
C HIS A 97 -2.35 -1.28 10.18
N ASP A 98 -3.20 -0.37 10.63
CA ASP A 98 -3.08 0.15 11.98
C ASP A 98 -3.23 -0.96 13.01
N ASP A 99 -4.20 -1.84 12.80
CA ASP A 99 -4.43 -2.95 13.72
C ASP A 99 -3.26 -3.91 13.78
N VAL A 100 -2.56 -4.09 12.66
CA VAL A 100 -1.41 -4.97 12.65
C VAL A 100 -0.28 -4.30 13.44
N VAL A 101 -0.10 -3.01 13.18
CA VAL A 101 0.94 -2.23 13.84
C VAL A 101 0.69 -2.14 15.34
N ASP A 102 -0.49 -1.67 15.73
CA ASP A 102 -0.86 -1.52 17.14
C ASP A 102 -1.15 -2.88 17.80
N GLU A 103 -0.96 -3.97 17.06
CA GLU A 103 -1.19 -5.31 17.57
C GLU A 103 -2.56 -5.50 18.20
N SER A 104 -3.58 -4.86 17.64
CA SER A 104 -4.94 -4.95 18.15
C SER A 104 -5.66 -6.24 17.72
N ASP A 105 -6.47 -6.77 18.62
CA ASP A 105 -7.23 -7.98 18.33
C ASP A 105 -8.72 -7.68 18.41
N MET A 106 -9.06 -6.41 18.59
CA MET A 106 -10.45 -6.01 18.68
C MET A 106 -10.73 -4.66 18.05
N ARG A 107 -11.70 -4.62 17.15
CA ARG A 107 -12.11 -3.38 16.51
C ARG A 107 -13.61 -3.29 16.70
N ARG A 108 -13.98 -2.84 17.90
CA ARG A 108 -15.36 -2.69 18.33
C ARG A 108 -16.26 -3.83 17.88
N GLY A 109 -16.54 -4.74 18.80
CA GLY A 109 -17.40 -5.85 18.49
C GLY A 109 -16.64 -7.14 18.26
N LYS A 110 -16.06 -7.27 17.08
CA LYS A 110 -15.34 -8.48 16.77
C LYS A 110 -13.83 -8.38 16.62
N ALA A 111 -13.20 -9.53 16.42
CA ALA A 111 -11.76 -9.61 16.26
C ALA A 111 -11.33 -8.83 15.04
N THR A 112 -10.16 -8.20 15.15
CA THR A 112 -9.60 -7.45 14.05
C THR A 112 -9.32 -8.45 12.94
N ALA A 113 -9.12 -7.95 11.72
CA ALA A 113 -8.83 -8.83 10.59
C ALA A 113 -7.52 -9.59 10.84
N ASN A 114 -6.57 -8.97 11.55
CA ASN A 114 -5.31 -9.64 11.82
C ASN A 114 -5.47 -10.82 12.78
N ALA A 115 -6.26 -10.63 13.83
CA ALA A 115 -6.48 -11.70 14.77
C ALA A 115 -7.19 -12.88 14.10
N ALA A 116 -8.09 -12.59 13.17
CA ALA A 116 -8.85 -13.62 12.47
C ALA A 116 -8.17 -14.22 11.24
N PHE A 117 -7.39 -13.41 10.52
CA PHE A 117 -6.74 -13.87 9.31
C PHE A 117 -5.22 -13.93 9.37
N GLY A 118 -4.63 -13.14 10.27
CA GLY A 118 -3.18 -13.10 10.41
C GLY A 118 -2.65 -11.77 9.92
N ASN A 119 -1.48 -11.34 10.41
CA ASN A 119 -0.91 -10.05 10.00
C ASN A 119 -0.65 -9.99 8.49
N ALA A 120 0.07 -10.98 7.97
CA ALA A 120 0.40 -11.05 6.54
C ALA A 120 -0.82 -10.77 5.67
N ALA A 121 -1.85 -11.58 5.83
CA ALA A 121 -3.06 -11.43 5.04
C ALA A 121 -3.65 -10.04 5.22
N SER A 122 -3.70 -9.60 6.47
CA SER A 122 -4.25 -8.30 6.76
C SER A 122 -3.46 -7.19 6.03
N VAL A 123 -2.13 -7.21 6.13
CA VAL A 123 -1.31 -6.20 5.45
C VAL A 123 -1.40 -6.30 3.94
N LEU A 124 -1.30 -7.53 3.42
CA LEU A 124 -1.35 -7.72 1.98
C LEU A 124 -2.73 -7.39 1.38
N VAL A 125 -3.81 -7.69 2.09
CA VAL A 125 -5.14 -7.39 1.58
C VAL A 125 -5.38 -5.89 1.59
N GLY A 126 -4.77 -5.20 2.57
CA GLY A 126 -4.90 -3.76 2.64
C GLY A 126 -4.18 -3.11 1.45
N ASP A 127 -3.10 -3.73 0.97
CA ASP A 127 -2.35 -3.21 -0.19
C ASP A 127 -3.19 -3.43 -1.44
N PHE A 128 -3.91 -4.54 -1.47
CA PHE A 128 -4.76 -4.85 -2.60
C PHE A 128 -5.81 -3.74 -2.65
N ILE A 129 -6.44 -3.55 -1.51
CA ILE A 129 -7.50 -2.57 -1.35
C ILE A 129 -7.05 -1.14 -1.62
N TYR A 130 -5.83 -0.82 -1.24
CA TYR A 130 -5.36 0.52 -1.48
C TYR A 130 -5.05 0.73 -2.96
N THR A 131 -4.37 -0.24 -3.57
CA THR A 131 -4.05 -0.07 -4.97
C THR A 131 -5.31 -0.09 -5.82
N ARG A 132 -6.32 -0.84 -5.40
CA ARG A 132 -7.57 -0.88 -6.13
C ARG A 132 -8.25 0.49 -6.09
N ALA A 133 -8.19 1.14 -4.94
CA ALA A 133 -8.78 2.47 -4.81
C ALA A 133 -8.06 3.42 -5.76
N PHE A 134 -6.75 3.20 -5.89
CA PHE A 134 -5.93 4.02 -6.75
C PHE A 134 -6.33 3.80 -8.19
N GLN A 135 -6.61 2.55 -8.55
CA GLN A 135 -7.08 2.25 -9.89
C GLN A 135 -8.41 2.98 -10.10
N MET A 136 -9.23 3.01 -9.06
CA MET A 136 -10.53 3.68 -9.15
C MET A 136 -10.40 5.18 -9.42
N MET A 137 -9.39 5.80 -8.83
CA MET A 137 -9.14 7.22 -9.03
C MET A 137 -8.71 7.48 -10.46
N THR A 138 -7.75 6.69 -10.93
CA THR A 138 -7.25 6.86 -12.29
C THR A 138 -8.39 6.67 -13.28
N SER A 139 -9.37 5.84 -12.94
CA SER A 139 -10.51 5.62 -13.82
C SER A 139 -11.37 6.88 -13.85
N LEU A 140 -11.17 7.77 -12.87
CA LEU A 140 -11.93 9.01 -12.81
C LEU A 140 -11.30 10.09 -13.72
N GLY A 141 -10.11 9.79 -14.23
CA GLY A 141 -9.42 10.70 -15.15
C GLY A 141 -9.02 12.11 -14.75
N SER A 142 -9.12 12.45 -13.46
CA SER A 142 -8.73 13.80 -13.04
C SER A 142 -7.36 13.74 -12.38
N LEU A 143 -6.36 14.32 -13.02
CA LEU A 143 -5.02 14.33 -12.46
C LEU A 143 -4.99 15.14 -11.17
N LYS A 144 -5.91 16.08 -11.01
CA LYS A 144 -5.91 16.90 -9.80
C LYS A 144 -6.39 16.13 -8.58
N VAL A 145 -7.39 15.28 -8.78
CA VAL A 145 -7.92 14.46 -7.69
C VAL A 145 -6.84 13.48 -7.28
N LEU A 146 -6.12 12.95 -8.27
CA LEU A 146 -5.04 12.02 -8.02
C LEU A 146 -3.90 12.62 -7.18
N GLU A 147 -3.51 13.86 -7.47
CA GLU A 147 -2.42 14.47 -6.70
C GLU A 147 -2.84 14.90 -5.30
N VAL A 148 -4.09 15.33 -5.15
CA VAL A 148 -4.59 15.74 -3.84
C VAL A 148 -4.70 14.51 -2.95
N MET A 149 -5.29 13.47 -3.49
CA MET A 149 -5.51 12.23 -2.76
C MET A 149 -4.18 11.50 -2.47
N SER A 150 -3.32 11.39 -3.47
CA SER A 150 -2.05 10.71 -3.24
C SER A 150 -1.23 11.42 -2.17
N GLU A 151 -1.31 12.74 -2.10
CA GLU A 151 -0.56 13.47 -1.07
C GLU A 151 -1.13 13.25 0.35
N ALA A 152 -2.45 13.27 0.48
CA ALA A 152 -3.09 13.07 1.77
C ALA A 152 -2.73 11.70 2.35
N VAL A 153 -2.81 10.66 1.52
CA VAL A 153 -2.50 9.33 2.01
C VAL A 153 -1.02 9.23 2.36
N ASN A 154 -0.17 9.84 1.56
CA ASN A 154 1.24 9.78 1.89
C ASN A 154 1.49 10.54 3.20
N VAL A 155 0.89 11.72 3.32
CA VAL A 155 1.04 12.52 4.53
C VAL A 155 0.64 11.70 5.76
N ILE A 156 -0.40 10.88 5.61
CA ILE A 156 -0.84 10.05 6.71
C ILE A 156 0.25 9.02 7.00
N ALA A 157 0.65 8.27 5.96
CA ALA A 157 1.68 7.26 6.10
C ALA A 157 2.94 7.82 6.80
N GLU A 158 3.40 8.98 6.37
CA GLU A 158 4.56 9.55 6.99
C GLU A 158 4.32 9.83 8.48
N GLY A 159 3.16 10.39 8.79
CA GLY A 159 2.86 10.70 10.18
C GLY A 159 2.94 9.48 11.06
N GLU A 160 2.49 8.34 10.55
CA GLU A 160 2.50 7.10 11.30
C GLU A 160 3.91 6.61 11.55
N VAL A 161 4.80 6.92 10.61
CA VAL A 161 6.20 6.53 10.77
C VAL A 161 6.83 7.38 11.87
N LEU A 162 6.47 8.66 11.90
CA LEU A 162 7.01 9.58 12.91
C LEU A 162 6.63 9.06 14.30
N GLN A 163 5.33 8.87 14.50
CA GLN A 163 4.80 8.38 15.78
C GLN A 163 5.47 7.09 16.21
N LEU A 164 5.90 6.31 15.23
CA LEU A 164 6.54 5.04 15.49
C LEU A 164 7.91 5.23 16.10
N MET A 165 8.68 6.17 15.57
CA MET A 165 10.02 6.39 16.09
C MET A 165 10.14 7.43 17.20
N ASN A 166 9.03 7.66 17.90
CA ASN A 166 9.03 8.63 19.00
C ASN A 166 8.30 8.10 20.21
N ASN A 176 2.06 21.15 20.53
CA ASN A 176 1.20 20.92 19.38
C ASN A 176 1.08 19.44 19.02
N TYR A 177 -0.05 18.86 19.40
CA TYR A 177 -0.35 17.47 19.11
C TYR A 177 -1.46 17.53 18.06
N MET A 178 -1.77 18.75 17.67
CA MET A 178 -2.77 19.04 16.66
C MET A 178 -2.16 18.73 15.29
N ARG A 179 -0.85 18.56 15.29
CA ARG A 179 -0.11 18.23 14.09
C ARG A 179 -0.26 16.73 13.89
N VAL A 180 -0.18 16.00 15.00
CA VAL A 180 -0.32 14.55 14.98
C VAL A 180 -1.67 14.07 14.47
N ILE A 181 -2.76 14.74 14.87
CA ILE A 181 -4.08 14.33 14.44
C ILE A 181 -4.48 14.90 13.08
N TYR A 182 -3.92 16.06 12.72
CA TYR A 182 -4.24 16.63 11.42
C TYR A 182 -3.86 15.61 10.33
N SER A 183 -2.63 15.12 10.43
CA SER A 183 -2.10 14.13 9.48
C SER A 183 -2.84 12.80 9.57
N LYS A 184 -3.01 12.34 10.80
CA LYS A 184 -3.65 11.06 11.09
C LYS A 184 -5.13 10.98 10.71
N THR A 185 -5.88 12.05 10.95
CA THR A 185 -7.31 12.03 10.71
C THR A 185 -7.89 13.10 9.81
N ALA A 186 -7.63 14.35 10.16
CA ALA A 186 -8.17 15.48 9.45
C ALA A 186 -7.86 15.54 7.96
N ARG A 187 -6.66 15.12 7.60
CA ARG A 187 -6.25 15.17 6.21
C ARG A 187 -7.07 14.34 5.23
N LEU A 188 -7.52 13.15 5.61
CA LEU A 188 -8.32 12.35 4.67
C LEU A 188 -9.73 12.92 4.54
N PHE A 189 -10.18 13.64 5.57
CA PHE A 189 -11.50 14.28 5.55
C PHE A 189 -11.42 15.44 4.57
N GLU A 190 -10.34 16.20 4.69
CA GLU A 190 -10.06 17.33 3.83
C GLU A 190 -10.18 16.85 2.37
N ALA A 191 -9.37 15.84 2.04
CA ALA A 191 -9.32 15.27 0.71
C ALA A 191 -10.66 14.79 0.20
N ALA A 192 -11.39 14.09 1.05
CA ALA A 192 -12.69 13.57 0.68
C ALA A 192 -13.60 14.68 0.16
N ALA A 193 -13.82 15.70 0.98
CA ALA A 193 -14.69 16.80 0.58
C ALA A 193 -14.15 17.53 -0.65
N GLN A 194 -12.89 17.94 -0.60
CA GLN A 194 -12.28 18.67 -1.70
C GLN A 194 -12.30 17.92 -3.02
N CYS A 195 -11.69 16.73 -3.06
CA CYS A 195 -11.68 15.96 -4.31
C CYS A 195 -13.08 15.75 -4.85
N SER A 196 -14.06 15.62 -3.95
CA SER A 196 -15.43 15.42 -4.38
C SER A 196 -15.88 16.67 -5.12
N GLY A 197 -15.42 17.81 -4.63
CA GLY A 197 -15.76 19.07 -5.24
C GLY A 197 -15.11 19.25 -6.60
N ILE A 198 -13.85 18.86 -6.70
CA ILE A 198 -13.12 18.97 -7.95
C ILE A 198 -13.75 18.08 -9.02
N LEU A 199 -14.24 16.93 -8.59
CA LEU A 199 -14.85 15.97 -9.49
C LEU A 199 -16.16 16.46 -10.08
N ALA A 200 -16.93 17.20 -9.29
CA ALA A 200 -18.20 17.73 -9.76
C ALA A 200 -17.93 18.99 -10.57
N GLY A 201 -16.72 19.52 -10.42
CA GLY A 201 -16.32 20.72 -11.14
C GLY A 201 -16.73 21.96 -10.40
N CYS A 202 -16.53 21.97 -9.08
CA CYS A 202 -16.90 23.13 -8.27
C CYS A 202 -16.05 24.35 -8.60
N THR A 203 -16.29 25.42 -7.85
CA THR A 203 -15.62 26.71 -8.00
C THR A 203 -14.42 26.81 -7.07
N PRO A 204 -13.42 27.65 -7.42
CA PRO A 204 -12.26 27.76 -6.53
C PRO A 204 -12.69 28.11 -5.10
N GLU A 205 -13.67 28.99 -4.97
CA GLU A 205 -14.15 29.38 -3.67
C GLU A 205 -14.90 28.20 -3.03
N GLU A 206 -15.60 27.44 -3.85
CA GLU A 206 -16.34 26.28 -3.34
C GLU A 206 -15.38 25.14 -2.99
N GLU A 207 -14.23 25.12 -3.64
CA GLU A 207 -13.23 24.08 -3.38
C GLU A 207 -12.48 24.36 -2.08
N LYS A 208 -12.11 25.62 -1.85
CA LYS A 208 -11.38 25.98 -0.64
C LYS A 208 -12.36 25.81 0.53
N GLY A 209 -13.62 26.12 0.25
CA GLY A 209 -14.65 25.99 1.27
C GLY A 209 -14.79 24.54 1.71
N LEU A 210 -15.05 23.66 0.73
CA LEU A 210 -15.20 22.24 1.03
C LEU A 210 -13.92 21.67 1.67
N GLN A 211 -12.77 22.01 1.11
CA GLN A 211 -11.49 21.55 1.63
C GLN A 211 -11.34 21.89 3.11
N ASP A 212 -11.77 23.09 3.48
CA ASP A 212 -11.69 23.52 4.87
C ASP A 212 -12.70 22.82 5.75
N TYR A 213 -13.91 22.64 5.23
CA TYR A 213 -14.93 21.93 5.99
C TYR A 213 -14.33 20.60 6.43
N GLY A 214 -13.72 19.90 5.47
CA GLY A 214 -13.11 18.61 5.76
C GLY A 214 -12.02 18.68 6.81
N ARG A 215 -11.12 19.64 6.69
CA ARG A 215 -10.02 19.78 7.65
C ARG A 215 -10.52 20.05 9.06
N TYR A 216 -11.53 20.91 9.18
CA TYR A 216 -12.08 21.26 10.47
C TYR A 216 -12.98 20.18 11.05
N LEU A 217 -13.83 19.57 10.22
CA LEU A 217 -14.70 18.52 10.72
C LEU A 217 -13.84 17.31 11.10
N GLY A 218 -12.72 17.14 10.42
CA GLY A 218 -11.86 16.02 10.71
C GLY A 218 -11.18 16.20 12.05
N THR A 219 -10.74 17.42 12.34
CA THR A 219 -10.07 17.74 13.59
C THR A 219 -11.03 17.55 14.76
N ALA A 220 -12.27 17.97 14.58
CA ALA A 220 -13.28 17.83 15.62
C ALA A 220 -13.63 16.37 15.81
N PHE A 221 -13.70 15.65 14.70
CA PHE A 221 -14.04 14.23 14.74
C PHE A 221 -13.04 13.47 15.61
N GLN A 222 -11.76 13.78 15.43
CA GLN A 222 -10.70 13.13 16.17
C GLN A 222 -10.65 13.56 17.65
N LEU A 223 -10.82 14.86 17.90
CA LEU A 223 -10.81 15.36 19.27
C LEU A 223 -11.88 14.60 20.05
N ILE A 224 -13.09 14.55 19.50
CA ILE A 224 -14.18 13.83 20.14
C ILE A 224 -13.71 12.41 20.42
N ASP A 225 -13.21 11.74 19.38
CA ASP A 225 -12.74 10.37 19.51
C ASP A 225 -11.80 10.17 20.70
N ASP A 226 -10.81 11.05 20.84
CA ASP A 226 -9.86 10.92 21.94
C ASP A 226 -10.51 11.10 23.29
N LEU A 227 -11.51 11.99 23.34
CA LEU A 227 -12.20 12.25 24.59
C LEU A 227 -13.11 11.08 24.89
N LEU A 228 -13.50 10.34 23.86
CA LEU A 228 -14.36 9.19 24.03
C LEU A 228 -13.59 7.94 24.48
N ASP A 229 -12.29 7.93 24.25
CA ASP A 229 -11.47 6.78 24.63
C ASP A 229 -11.40 6.63 26.13
N TYR A 230 -11.62 7.74 26.84
CA TYR A 230 -11.59 7.72 28.29
C TYR A 230 -12.96 7.33 28.82
N ASN A 231 -13.46 6.21 28.30
CA ASN A 231 -14.76 5.62 28.65
C ASN A 231 -15.97 6.48 28.36
N ALA A 232 -15.80 7.50 27.53
CA ALA A 232 -16.86 8.42 27.15
C ALA A 232 -17.05 9.49 28.22
N VAL A 241 -11.78 0.34 24.01
CA VAL A 241 -11.87 1.48 24.93
C VAL A 241 -10.77 1.42 25.99
N GLY A 242 -10.25 2.59 26.37
CA GLY A 242 -9.22 2.66 27.39
C GLY A 242 -7.80 2.47 26.87
N ASP A 243 -7.67 2.20 25.58
CA ASP A 243 -6.37 1.98 24.96
C ASP A 243 -5.42 3.18 25.03
N ASP A 244 -5.91 4.38 24.76
CA ASP A 244 -5.07 5.58 24.79
C ASP A 244 -4.23 5.70 26.07
N LEU A 245 -4.85 5.53 27.24
CA LEU A 245 -4.11 5.64 28.49
C LEU A 245 -3.21 4.42 28.70
N ASN A 246 -3.73 3.24 28.38
CA ASN A 246 -2.96 2.02 28.54
C ASN A 246 -1.56 2.14 27.94
N GLU A 247 -1.42 2.88 26.86
CA GLU A 247 -0.10 3.03 26.27
C GLU A 247 0.43 4.45 26.40
N GLY A 248 -0.09 5.15 27.41
CA GLY A 248 0.32 6.53 27.67
C GLY A 248 0.30 7.47 26.48
N LYS A 249 -0.77 7.44 25.68
CA LYS A 249 -0.83 8.33 24.53
C LYS A 249 -1.00 9.78 24.98
N PRO A 250 -0.27 10.70 24.34
CA PRO A 250 -0.35 12.13 24.69
C PRO A 250 -1.60 12.84 24.17
N THR A 251 -2.78 12.26 24.35
CA THR A 251 -4.00 12.90 23.89
C THR A 251 -4.31 14.18 24.66
N LEU A 252 -5.06 15.07 24.02
CA LEU A 252 -5.44 16.34 24.62
C LEU A 252 -6.09 16.15 25.99
N PRO A 253 -7.08 15.26 26.09
CA PRO A 253 -7.73 15.02 27.37
C PRO A 253 -6.73 14.70 28.47
N LEU A 254 -5.74 13.88 28.15
CA LEU A 254 -4.74 13.50 29.12
C LEU A 254 -3.75 14.63 29.40
N LEU A 255 -3.41 15.39 28.37
CA LEU A 255 -2.48 16.50 28.51
C LEU A 255 -3.01 17.65 29.36
N HIS A 256 -4.31 17.90 29.31
CA HIS A 256 -4.88 18.98 30.11
C HIS A 256 -4.78 18.62 31.58
N ALA A 257 -5.28 17.44 31.92
CA ALA A 257 -5.27 16.94 33.29
C ALA A 257 -3.91 17.11 33.94
N MET A 258 -2.86 16.70 33.22
CA MET A 258 -1.51 16.81 33.72
C MET A 258 -1.22 18.22 34.26
N HIS A 259 -1.28 19.20 33.37
CA HIS A 259 -1.01 20.60 33.71
C HIS A 259 -1.88 21.24 34.79
N HIS A 260 -3.18 21.07 34.70
CA HIS A 260 -4.08 21.69 35.66
C HIS A 260 -4.48 20.93 36.92
N GLY A 261 -3.97 19.71 37.09
CA GLY A 261 -4.30 18.92 38.26
C GLY A 261 -3.33 19.13 39.41
N THR A 262 -3.42 18.29 40.43
CA THR A 262 -2.52 18.39 41.58
C THR A 262 -1.16 17.86 41.09
N PRO A 263 -0.06 18.34 41.68
CA PRO A 263 1.26 17.86 41.24
C PRO A 263 1.37 16.35 41.36
N GLU A 264 0.55 15.77 42.23
CA GLU A 264 0.52 14.33 42.44
C GLU A 264 -0.17 13.65 41.24
N GLN A 265 -1.31 14.19 40.81
CA GLN A 265 -2.02 13.65 39.66
C GLN A 265 -1.14 13.95 38.45
N ALA A 266 -0.59 15.16 38.45
CA ALA A 266 0.26 15.64 37.39
C ALA A 266 1.52 14.79 37.22
N GLN A 267 2.11 14.36 38.33
CA GLN A 267 3.31 13.54 38.27
C GLN A 267 2.98 12.17 37.65
N MET A 268 1.89 11.58 38.12
CA MET A 268 1.40 10.28 37.64
C MET A 268 1.24 10.27 36.12
N ILE A 269 0.39 11.15 35.63
CA ILE A 269 0.13 11.29 34.21
C ILE A 269 1.43 11.45 33.42
N ARG A 270 2.29 12.34 33.90
CA ARG A 270 3.56 12.60 33.23
C ARG A 270 4.45 11.36 33.13
N THR A 271 4.63 10.62 34.22
CA THR A 271 5.47 9.43 34.16
C THR A 271 4.79 8.35 33.31
N ALA A 272 3.47 8.23 33.42
CA ALA A 272 2.75 7.23 32.63
C ALA A 272 2.97 7.47 31.13
N ILE A 273 3.15 8.73 30.75
CA ILE A 273 3.39 9.07 29.35
C ILE A 273 4.85 8.80 28.99
N GLU A 274 5.76 9.13 29.90
CA GLU A 274 7.20 8.91 29.70
C GLU A 274 7.44 7.39 29.66
N GLN A 275 6.59 6.67 30.39
CA GLN A 275 6.66 5.23 30.51
C GLN A 275 5.92 4.61 29.32
N GLY A 276 5.10 5.43 28.67
CA GLY A 276 4.31 4.94 27.56
C GLY A 276 3.42 3.83 28.04
N ASN A 277 2.98 3.93 29.29
CA ASN A 277 2.13 2.92 29.87
C ASN A 277 1.34 3.46 31.06
N GLY A 278 0.02 3.48 30.92
CA GLY A 278 -0.84 3.97 31.99
C GLY A 278 -1.81 2.90 32.43
N ARG A 279 -1.45 1.63 32.25
CA ARG A 279 -2.33 0.55 32.66
C ARG A 279 -2.61 0.59 34.15
N HIS A 280 -3.87 0.34 34.50
CA HIS A 280 -4.34 0.31 35.89
C HIS A 280 -4.43 1.68 36.56
N LEU A 281 -4.12 2.75 35.80
CA LEU A 281 -4.17 4.12 36.31
C LEU A 281 -5.40 4.87 35.80
N LEU A 282 -6.47 4.16 35.51
CA LEU A 282 -7.66 4.81 34.98
C LEU A 282 -8.48 5.63 35.98
N GLU A 283 -8.69 5.10 37.17
CA GLU A 283 -9.49 5.81 38.16
C GLU A 283 -8.85 7.12 38.62
N PRO A 284 -7.62 7.06 39.15
CA PRO A 284 -7.04 8.34 39.57
C PRO A 284 -6.94 9.31 38.40
N VAL A 285 -6.69 8.79 37.20
CA VAL A 285 -6.59 9.63 36.02
C VAL A 285 -7.94 10.33 35.78
N LEU A 286 -9.02 9.57 35.81
CA LEU A 286 -10.34 10.16 35.62
C LEU A 286 -10.52 11.29 36.64
N GLU A 287 -10.36 10.96 37.92
CA GLU A 287 -10.50 11.93 38.99
C GLU A 287 -9.71 13.18 38.66
N ALA A 288 -8.55 13.01 38.04
CA ALA A 288 -7.73 14.15 37.67
C ALA A 288 -8.44 14.97 36.60
N MET A 289 -9.12 14.29 35.68
CA MET A 289 -9.82 14.96 34.60
C MET A 289 -11.11 15.58 35.12
N ASN A 290 -11.94 14.74 35.74
CA ASN A 290 -13.22 15.17 36.29
C ASN A 290 -13.10 16.23 37.37
N ALA A 291 -11.89 16.76 37.53
CA ALA A 291 -11.63 17.78 38.54
C ALA A 291 -11.05 19.03 37.89
N CYS A 292 -10.20 18.83 36.88
CA CYS A 292 -9.59 19.94 36.17
C CYS A 292 -10.41 20.28 34.93
N GLY A 293 -11.54 19.61 34.76
CA GLY A 293 -12.38 19.85 33.60
C GLY A 293 -11.56 19.69 32.34
N SER A 294 -10.92 18.53 32.19
CA SER A 294 -10.10 18.24 31.02
C SER A 294 -10.92 17.55 29.95
N LEU A 295 -11.97 16.86 30.38
CA LEU A 295 -12.84 16.11 29.49
C LEU A 295 -13.85 16.99 28.73
N GLU A 296 -14.09 18.20 29.25
CA GLU A 296 -15.03 19.12 28.61
C GLU A 296 -14.28 20.29 27.97
N TRP A 297 -13.06 20.51 28.43
CA TRP A 297 -12.22 21.56 27.89
C TRP A 297 -11.79 21.05 26.53
N THR A 298 -11.96 19.74 26.33
CA THR A 298 -11.61 19.07 25.09
C THR A 298 -12.79 19.10 24.14
N ARG A 299 -13.99 19.07 24.69
CA ARG A 299 -15.20 19.08 23.88
C ARG A 299 -15.46 20.47 23.31
N GLN A 300 -15.13 21.51 24.08
CA GLN A 300 -15.34 22.84 23.57
C GLN A 300 -14.11 23.29 22.80
N ARG A 301 -13.32 22.31 22.36
CA ARG A 301 -12.14 22.58 21.55
C ARG A 301 -12.52 22.03 20.18
N ALA A 302 -13.30 20.95 20.22
CA ALA A 302 -13.78 20.29 19.02
C ALA A 302 -15.04 21.00 18.59
N GLU A 303 -15.65 21.70 19.55
CA GLU A 303 -16.87 22.45 19.29
C GLU A 303 -16.52 23.70 18.51
N GLU A 304 -15.33 24.25 18.77
CA GLU A 304 -14.91 25.44 18.05
C GLU A 304 -14.34 25.05 16.68
N GLU A 305 -13.97 23.78 16.52
CA GLU A 305 -13.45 23.30 15.24
C GLU A 305 -14.68 22.96 14.39
N ALA A 306 -15.70 22.40 15.02
CA ALA A 306 -16.92 22.05 14.31
C ALA A 306 -17.53 23.35 13.80
N ASP A 307 -17.29 24.44 14.53
CA ASP A 307 -17.81 25.72 14.13
C ASP A 307 -17.14 26.13 12.82
N LYS A 308 -15.83 26.38 12.86
CA LYS A 308 -15.08 26.76 11.67
C LYS A 308 -15.57 25.97 10.45
N ALA A 309 -15.94 24.73 10.67
CA ALA A 309 -16.41 23.87 9.59
C ALA A 309 -17.70 24.38 8.98
N ILE A 310 -18.71 24.60 9.81
CA ILE A 310 -20.01 25.09 9.32
C ILE A 310 -19.86 26.47 8.70
N ALA A 311 -19.01 27.31 9.29
CA ALA A 311 -18.77 28.65 8.77
C ALA A 311 -18.25 28.57 7.34
N ALA A 312 -17.08 27.95 7.19
CA ALA A 312 -16.43 27.79 5.89
C ALA A 312 -17.39 27.38 4.77
N LEU A 313 -18.56 26.86 5.12
CA LEU A 313 -19.54 26.47 4.12
C LEU A 313 -20.44 27.62 3.68
N GLN A 314 -20.15 28.83 4.16
CA GLN A 314 -20.94 30.01 3.80
C GLN A 314 -21.02 30.05 2.27
N VAL A 315 -19.83 30.00 1.67
CA VAL A 315 -19.69 30.03 0.23
C VAL A 315 -20.70 29.18 -0.53
N LEU A 316 -20.73 27.88 -0.27
CA LEU A 316 -21.64 26.99 -0.98
C LEU A 316 -23.06 27.54 -1.06
N PRO A 317 -23.82 27.09 -2.08
CA PRO A 317 -25.20 27.52 -2.29
C PRO A 317 -26.11 26.85 -1.26
N ASP A 318 -27.04 27.62 -0.71
CA ASP A 318 -27.97 27.10 0.29
C ASP A 318 -28.82 25.97 -0.27
N THR A 319 -28.39 24.75 -0.04
CA THR A 319 -29.10 23.56 -0.50
C THR A 319 -29.31 22.66 0.71
N PRO A 320 -30.20 21.66 0.59
CA PRO A 320 -30.39 20.80 1.76
C PRO A 320 -29.05 20.09 2.01
N TRP A 321 -28.40 19.72 0.92
CA TRP A 321 -27.12 19.03 0.98
C TRP A 321 -26.14 19.74 1.89
N ARG A 322 -26.20 21.07 1.91
CA ARG A 322 -25.30 21.85 2.76
C ARG A 322 -25.74 21.79 4.21
N GLU A 323 -27.01 22.07 4.46
CA GLU A 323 -27.50 22.04 5.83
C GLU A 323 -27.36 20.62 6.36
N ALA A 324 -27.08 19.69 5.46
CA ALA A 324 -26.86 18.29 5.81
C ALA A 324 -25.41 18.21 6.28
N LEU A 325 -24.54 18.91 5.55
CA LEU A 325 -23.12 18.95 5.90
C LEU A 325 -23.03 19.67 7.22
N ILE A 326 -23.85 20.71 7.36
CA ILE A 326 -23.90 21.51 8.59
C ILE A 326 -24.34 20.56 9.69
N GLY A 327 -25.23 19.64 9.33
CA GLY A 327 -25.72 18.66 10.27
C GLY A 327 -24.59 17.79 10.80
N LEU A 328 -23.93 17.05 9.91
CA LEU A 328 -22.82 16.17 10.32
C LEU A 328 -21.83 16.90 11.22
N ALA A 329 -21.68 18.20 11.01
CA ALA A 329 -20.76 18.99 11.82
C ALA A 329 -21.22 19.05 13.28
N HIS A 330 -22.48 19.41 13.49
CA HIS A 330 -23.04 19.48 14.84
C HIS A 330 -23.10 18.10 15.50
N ILE A 331 -23.55 17.11 14.72
CA ILE A 331 -23.66 15.74 15.22
C ILE A 331 -22.30 15.21 15.71
N ALA A 332 -21.23 15.59 15.03
CA ALA A 332 -19.88 15.16 15.39
C ALA A 332 -19.55 15.40 16.87
N VAL A 333 -19.94 16.56 17.39
CA VAL A 333 -19.66 16.89 18.79
C VAL A 333 -20.92 17.00 19.64
N MET B 15 26.07 -8.12 -24.73
CA MET B 15 26.87 -7.07 -24.11
C MET B 15 27.13 -7.37 -22.63
N ASN B 16 28.39 -7.27 -22.24
CA ASN B 16 28.82 -7.54 -20.86
C ASN B 16 28.22 -6.64 -19.78
N LEU B 17 28.18 -7.14 -18.55
CA LEU B 17 27.63 -6.40 -17.42
C LEU B 17 28.42 -5.14 -17.09
N GLU B 18 29.73 -5.22 -17.27
CA GLU B 18 30.61 -4.08 -17.02
C GLU B 18 30.24 -2.91 -17.94
N LYS B 19 29.97 -3.23 -19.21
CA LYS B 19 29.62 -2.22 -20.18
C LYS B 19 28.20 -1.71 -19.99
N ILE B 20 27.32 -2.58 -19.48
CA ILE B 20 25.93 -2.18 -19.26
C ILE B 20 25.89 -1.17 -18.13
N ASN B 21 26.71 -1.38 -17.12
CA ASN B 21 26.78 -0.46 -15.97
C ASN B 21 27.31 0.92 -16.35
N GLU B 22 28.32 0.97 -17.23
CA GLU B 22 28.91 2.24 -17.64
C GLU B 22 27.98 2.99 -18.58
N LEU B 23 27.34 2.24 -19.48
CA LEU B 23 26.43 2.85 -20.42
C LEU B 23 25.27 3.55 -19.71
N THR B 24 24.90 3.05 -18.53
CA THR B 24 23.79 3.61 -17.78
C THR B 24 24.18 4.28 -16.47
N ALA B 25 25.48 4.48 -16.27
CA ALA B 25 25.94 5.11 -15.04
C ALA B 25 25.33 6.50 -14.86
N GLN B 26 25.19 7.26 -15.94
CA GLN B 26 24.63 8.60 -15.82
C GLN B 26 23.15 8.56 -15.44
N ASP B 27 22.35 7.78 -16.14
CA ASP B 27 20.92 7.72 -15.81
C ASP B 27 20.70 7.16 -14.41
N MET B 28 21.52 6.19 -14.00
CA MET B 28 21.39 5.62 -12.66
C MET B 28 21.79 6.64 -11.60
N ALA B 29 22.50 7.68 -12.00
CA ALA B 29 22.89 8.71 -11.03
C ALA B 29 21.68 9.61 -10.97
N GLY B 30 20.94 9.68 -12.07
CA GLY B 30 19.74 10.47 -12.12
C GLY B 30 18.70 9.76 -11.26
N VAL B 31 18.69 8.44 -11.38
CA VAL B 31 17.78 7.61 -10.62
C VAL B 31 18.02 7.76 -9.11
N ASN B 32 19.28 7.64 -8.70
CA ASN B 32 19.61 7.78 -7.29
C ASN B 32 19.24 9.16 -6.82
N ALA B 33 19.44 10.16 -7.67
CA ALA B 33 19.09 11.51 -7.28
C ALA B 33 17.59 11.54 -6.99
N ALA B 34 16.80 11.01 -7.92
CA ALA B 34 15.34 10.98 -7.75
C ALA B 34 15.02 10.26 -6.44
N ILE B 35 15.70 9.15 -6.19
CA ILE B 35 15.49 8.38 -4.98
C ILE B 35 15.76 9.16 -3.69
N LEU B 36 16.89 9.87 -3.64
CA LEU B 36 17.25 10.64 -2.45
C LEU B 36 16.35 11.85 -2.23
N GLU B 37 15.86 12.42 -3.33
CA GLU B 37 14.98 13.58 -3.22
C GLU B 37 13.67 13.13 -2.57
N GLN B 38 13.20 11.94 -2.94
CA GLN B 38 11.94 11.42 -2.42
C GLN B 38 12.03 10.81 -1.03
N LEU B 39 13.11 10.08 -0.75
CA LEU B 39 13.25 9.47 0.56
C LEU B 39 13.90 10.40 1.56
N ASN B 40 13.97 11.68 1.19
CA ASN B 40 14.54 12.69 2.05
C ASN B 40 13.48 13.02 3.08
N SER B 41 13.80 12.85 4.35
CA SER B 41 12.82 13.13 5.40
C SER B 41 13.46 13.26 6.76
N ASP B 42 12.80 14.02 7.62
CA ASP B 42 13.27 14.25 8.98
C ASP B 42 13.02 13.06 9.89
N VAL B 43 12.18 12.13 9.44
CA VAL B 43 11.86 10.95 10.24
C VAL B 43 13.08 10.14 10.64
N GLN B 44 14.17 10.28 9.90
CA GLN B 44 15.41 9.56 10.22
C GLN B 44 15.41 8.10 9.76
N LEU B 45 14.29 7.42 9.95
CA LEU B 45 14.20 6.01 9.55
C LEU B 45 14.04 5.90 8.03
N ILE B 46 13.26 6.83 7.47
CA ILE B 46 13.03 6.87 6.03
C ILE B 46 14.29 7.40 5.38
N ASN B 47 14.95 8.31 6.09
CA ASN B 47 16.18 8.93 5.62
C ASN B 47 17.28 7.89 5.42
N GLN B 48 17.50 7.07 6.45
CA GLN B 48 18.52 6.03 6.37
C GLN B 48 18.28 5.15 5.14
N LEU B 49 17.01 4.84 4.88
CA LEU B 49 16.65 3.99 3.75
C LEU B 49 17.15 4.52 2.40
N GLY B 50 17.23 5.84 2.26
CA GLY B 50 17.70 6.43 1.02
C GLY B 50 19.13 6.04 0.70
N TYR B 51 20.04 6.28 1.66
CA TYR B 51 21.45 5.95 1.47
C TYR B 51 21.62 4.45 1.26
N TYR B 52 20.89 3.66 2.02
CA TYR B 52 21.01 2.21 1.88
C TYR B 52 20.66 1.72 0.47
N ILE B 53 19.71 2.38 -0.19
CA ILE B 53 19.32 1.96 -1.53
C ILE B 53 20.35 2.38 -2.60
N VAL B 54 20.74 3.65 -2.60
CA VAL B 54 21.70 4.12 -3.58
C VAL B 54 23.11 3.58 -3.39
N SER B 55 23.34 2.92 -2.25
CA SER B 55 24.64 2.33 -1.92
C SER B 55 24.67 0.84 -2.20
N GLY B 56 23.49 0.23 -2.22
CA GLY B 56 23.41 -1.19 -2.47
C GLY B 56 24.38 -1.63 -3.56
N GLY B 57 25.09 -2.71 -3.31
CA GLY B 57 26.03 -3.21 -4.29
C GLY B 57 25.32 -4.08 -5.32
N GLY B 58 24.04 -4.32 -5.05
CA GLY B 58 23.22 -5.15 -5.92
C GLY B 58 23.17 -4.77 -7.38
N LYS B 59 22.55 -5.64 -8.18
CA LYS B 59 22.42 -5.45 -9.62
C LYS B 59 21.43 -4.36 -9.96
N ARG B 60 20.39 -4.24 -9.14
CA ARG B 60 19.35 -3.24 -9.35
C ARG B 60 18.78 -3.24 -10.77
N ILE B 61 18.61 -4.44 -11.32
CA ILE B 61 18.09 -4.65 -12.67
C ILE B 61 16.74 -4.00 -13.03
N ARG B 62 15.86 -3.85 -12.05
CA ARG B 62 14.54 -3.27 -12.34
C ARG B 62 14.57 -1.81 -12.78
N PRO B 63 15.19 -0.94 -11.97
CA PRO B 63 15.21 0.47 -12.42
C PRO B 63 16.05 0.62 -13.70
N MET B 64 17.03 -0.26 -13.84
CA MET B 64 17.92 -0.23 -15.00
C MET B 64 17.15 -0.51 -16.28
N ILE B 65 16.21 -1.45 -16.23
CA ILE B 65 15.40 -1.78 -17.40
C ILE B 65 14.52 -0.61 -17.78
N ALA B 66 14.16 0.21 -16.79
CA ALA B 66 13.32 1.36 -17.05
C ALA B 66 14.09 2.43 -17.87
N VAL B 67 15.31 2.77 -17.46
CA VAL B 67 16.08 3.78 -18.19
C VAL B 67 16.48 3.24 -19.56
N LEU B 68 16.92 1.98 -19.61
CA LEU B 68 17.31 1.39 -20.86
C LEU B 68 16.14 1.43 -21.83
N ALA B 69 14.98 0.99 -21.36
CA ALA B 69 13.76 0.97 -22.18
C ALA B 69 13.51 2.30 -22.88
N ALA B 70 13.50 3.38 -22.10
CA ALA B 70 13.27 4.73 -22.63
C ALA B 70 14.26 5.13 -23.73
N ARG B 71 15.56 4.94 -23.49
CA ARG B 71 16.58 5.32 -24.47
C ARG B 71 16.51 4.47 -25.72
N ALA B 72 16.13 3.21 -25.54
CA ALA B 72 16.03 2.27 -26.64
C ALA B 72 15.05 2.76 -27.69
N VAL B 73 14.04 3.52 -27.25
CA VAL B 73 13.03 4.04 -28.15
C VAL B 73 13.17 5.54 -28.43
N GLY B 74 14.38 6.05 -28.31
CA GLY B 74 14.61 7.45 -28.62
C GLY B 74 14.27 8.53 -27.62
N TYR B 75 13.98 8.16 -26.38
CA TYR B 75 13.64 9.18 -25.39
C TYR B 75 14.82 10.10 -25.18
N GLU B 76 14.57 11.41 -25.26
CA GLU B 76 15.66 12.37 -25.07
C GLU B 76 15.50 13.27 -23.84
N GLY B 77 14.40 13.10 -23.10
CA GLY B 77 14.20 13.90 -21.90
C GLY B 77 14.77 13.13 -20.72
N ASN B 78 14.29 13.39 -19.50
CA ASN B 78 14.80 12.61 -18.39
C ASN B 78 13.78 12.34 -17.29
N ALA B 79 12.57 11.97 -17.70
CA ALA B 79 11.51 11.63 -16.77
C ALA B 79 11.47 10.11 -16.60
N HIS B 80 12.21 9.41 -17.45
CA HIS B 80 12.29 7.95 -17.39
C HIS B 80 13.00 7.57 -16.11
N VAL B 81 13.76 8.52 -15.58
CA VAL B 81 14.53 8.32 -14.36
C VAL B 81 13.57 8.27 -13.17
N THR B 82 12.44 8.96 -13.26
CA THR B 82 11.45 8.94 -12.18
C THR B 82 10.70 7.60 -12.19
N ILE B 83 10.48 7.07 -13.39
CA ILE B 83 9.78 5.80 -13.51
C ILE B 83 10.67 4.72 -12.95
N ALA B 84 11.96 4.87 -13.18
CA ALA B 84 12.92 3.90 -12.68
C ALA B 84 12.88 3.95 -11.16
N ALA B 85 12.87 5.15 -10.61
CA ALA B 85 12.85 5.34 -9.17
C ALA B 85 11.62 4.81 -8.47
N LEU B 86 10.44 5.05 -9.04
CA LEU B 86 9.20 4.59 -8.42
C LEU B 86 9.06 3.07 -8.55
N ILE B 87 9.61 2.50 -9.63
CA ILE B 87 9.59 1.05 -9.82
C ILE B 87 10.43 0.36 -8.73
N GLU B 88 11.54 0.99 -8.33
CA GLU B 88 12.38 0.40 -7.30
C GLU B 88 11.73 0.61 -5.93
N PHE B 89 10.97 1.69 -5.80
CA PHE B 89 10.27 1.97 -4.56
C PHE B 89 9.21 0.89 -4.41
N ILE B 90 8.58 0.52 -5.51
CA ILE B 90 7.54 -0.48 -5.44
C ILE B 90 8.16 -1.81 -5.05
N HIS B 91 9.27 -2.16 -5.68
CA HIS B 91 9.95 -3.43 -5.35
C HIS B 91 10.33 -3.42 -3.88
N THR B 92 11.01 -2.35 -3.45
CA THR B 92 11.44 -2.15 -2.07
C THR B 92 10.26 -2.25 -1.09
N ALA B 93 9.12 -1.67 -1.45
CA ALA B 93 7.95 -1.68 -0.57
C ALA B 93 7.37 -3.09 -0.42
N THR B 94 7.27 -3.80 -1.55
CA THR B 94 6.75 -5.16 -1.52
C THR B 94 7.67 -6.02 -0.67
N LEU B 95 8.98 -5.75 -0.74
CA LEU B 95 9.92 -6.52 0.08
C LEU B 95 9.65 -6.25 1.56
N LEU B 96 9.50 -5.00 1.94
CA LEU B 96 9.22 -4.71 3.34
C LEU B 96 7.98 -5.46 3.80
N HIS B 97 6.90 -5.38 3.04
CA HIS B 97 5.68 -6.05 3.48
C HIS B 97 5.80 -7.56 3.51
N ASP B 98 6.70 -8.10 2.71
CA ASP B 98 6.93 -9.54 2.67
C ASP B 98 7.60 -9.98 3.98
N ASP B 99 8.19 -9.03 4.71
CA ASP B 99 8.88 -9.32 5.98
C ASP B 99 7.93 -9.49 7.16
N VAL B 100 6.68 -9.07 7.01
CA VAL B 100 5.72 -9.19 8.11
C VAL B 100 5.53 -10.64 8.52
N VAL B 101 5.66 -10.91 9.81
CA VAL B 101 5.51 -12.26 10.36
C VAL B 101 4.15 -12.41 11.03
N ASP B 102 3.54 -13.59 10.92
CA ASP B 102 2.24 -13.86 11.54
C ASP B 102 2.47 -14.25 13.00
N GLU B 103 1.48 -14.92 13.59
CA GLU B 103 1.62 -15.36 14.97
C GLU B 103 2.49 -16.62 14.95
N SER B 104 3.32 -16.69 13.91
CA SER B 104 4.29 -17.75 13.68
C SER B 104 5.50 -17.09 14.35
N ASP B 105 5.16 -16.15 15.22
CA ASP B 105 6.09 -15.33 15.99
C ASP B 105 6.91 -16.14 16.97
N PHE B 117 14.18 -5.42 11.84
CA PHE B 117 13.35 -4.26 11.52
C PHE B 117 12.03 -4.30 12.31
N GLY B 118 11.21 -5.33 12.10
CA GLY B 118 9.96 -5.43 12.85
C GLY B 118 8.67 -5.24 12.06
N ASN B 119 7.58 -5.83 12.56
CA ASN B 119 6.30 -5.71 11.90
C ASN B 119 5.87 -4.27 11.72
N ALA B 120 5.86 -3.51 12.80
CA ALA B 120 5.44 -2.12 12.73
C ALA B 120 6.24 -1.36 11.70
N ALA B 121 7.56 -1.45 11.80
CA ALA B 121 8.43 -0.76 10.87
C ALA B 121 8.22 -1.18 9.42
N SER B 122 8.21 -2.49 9.16
CA SER B 122 8.04 -3.02 7.81
C SER B 122 6.75 -2.53 7.17
N VAL B 123 5.67 -2.56 7.95
CA VAL B 123 4.36 -2.13 7.47
C VAL B 123 4.31 -0.62 7.19
N LEU B 124 4.62 0.18 8.20
CA LEU B 124 4.58 1.63 8.06
C LEU B 124 5.61 2.20 7.10
N VAL B 125 6.84 1.71 7.13
CA VAL B 125 7.81 2.23 6.18
C VAL B 125 7.41 1.81 4.77
N GLY B 126 6.90 0.58 4.64
CA GLY B 126 6.48 0.08 3.35
C GLY B 126 5.37 0.95 2.83
N ASP B 127 4.50 1.40 3.75
CA ASP B 127 3.39 2.25 3.35
C ASP B 127 3.87 3.60 2.87
N PHE B 128 4.87 4.14 3.55
CA PHE B 128 5.39 5.44 3.15
C PHE B 128 5.90 5.35 1.73
N ILE B 129 6.71 4.32 1.47
CA ILE B 129 7.32 4.07 0.16
C ILE B 129 6.33 3.88 -0.99
N TYR B 130 5.32 3.01 -0.78
CA TYR B 130 4.29 2.73 -1.76
C TYR B 130 3.54 4.00 -2.12
N THR B 131 3.07 4.70 -1.10
CA THR B 131 2.30 5.91 -1.29
C THR B 131 3.11 7.00 -1.98
N ARG B 132 4.42 6.98 -1.77
CA ARG B 132 5.28 7.99 -2.39
C ARG B 132 5.46 7.67 -3.87
N ALA B 133 5.48 6.39 -4.21
CA ALA B 133 5.62 5.94 -5.60
C ALA B 133 4.39 6.41 -6.37
N PHE B 134 3.22 6.27 -5.75
CA PHE B 134 1.98 6.69 -6.38
C PHE B 134 2.00 8.18 -6.61
N GLN B 135 2.61 8.91 -5.70
CA GLN B 135 2.72 10.36 -5.86
C GLN B 135 3.60 10.63 -7.08
N MET B 136 4.71 9.91 -7.15
CA MET B 136 5.64 10.06 -8.26
C MET B 136 5.00 9.70 -9.59
N MET B 137 4.14 8.69 -9.59
CA MET B 137 3.45 8.27 -10.80
C MET B 137 2.63 9.41 -11.31
N THR B 138 1.79 9.97 -10.45
CA THR B 138 0.92 11.08 -10.82
C THR B 138 1.66 12.35 -11.24
N SER B 139 2.89 12.52 -10.77
CA SER B 139 3.66 13.72 -11.13
C SER B 139 4.05 13.68 -12.59
N LEU B 140 4.15 12.48 -13.15
CA LEU B 140 4.50 12.32 -14.55
C LEU B 140 3.41 12.89 -15.45
N GLY B 141 2.24 13.17 -14.86
CA GLY B 141 1.13 13.73 -15.60
C GLY B 141 0.53 12.95 -16.75
N SER B 142 0.75 11.64 -16.77
CA SER B 142 0.21 10.81 -17.83
C SER B 142 -0.77 9.76 -17.31
N LEU B 143 -2.05 9.95 -17.63
CA LEU B 143 -3.08 9.02 -17.20
C LEU B 143 -2.81 7.62 -17.69
N LYS B 144 -2.30 7.48 -18.89
CA LYS B 144 -2.02 6.14 -19.40
C LYS B 144 -0.99 5.45 -18.49
N VAL B 145 0.10 6.14 -18.15
CA VAL B 145 1.09 5.54 -17.25
C VAL B 145 0.43 5.13 -15.92
N LEU B 146 -0.44 6.00 -15.40
CA LEU B 146 -1.18 5.72 -14.15
C LEU B 146 -2.09 4.50 -14.32
N GLU B 147 -2.62 4.31 -15.52
CA GLU B 147 -3.48 3.16 -15.82
C GLU B 147 -2.73 1.85 -15.71
N VAL B 148 -1.54 1.80 -16.30
CA VAL B 148 -0.72 0.60 -16.29
C VAL B 148 -0.07 0.31 -14.94
N MET B 149 0.47 1.32 -14.28
CA MET B 149 1.10 1.09 -12.99
C MET B 149 0.09 0.63 -11.94
N SER B 150 -1.04 1.31 -11.87
CA SER B 150 -2.10 0.96 -10.92
C SER B 150 -2.38 -0.52 -10.99
N GLU B 151 -2.73 -0.99 -12.17
CA GLU B 151 -3.03 -2.40 -12.34
C GLU B 151 -1.89 -3.27 -11.83
N ALA B 152 -0.68 -2.98 -12.27
CA ALA B 152 0.49 -3.75 -11.87
C ALA B 152 0.64 -3.87 -10.36
N VAL B 153 0.59 -2.76 -9.65
CA VAL B 153 0.75 -2.85 -8.21
C VAL B 153 -0.42 -3.60 -7.59
N ASN B 154 -1.59 -3.48 -8.19
CA ASN B 154 -2.75 -4.20 -7.68
C ASN B 154 -2.52 -5.70 -7.90
N VAL B 155 -2.00 -6.05 -9.08
CA VAL B 155 -1.70 -7.42 -9.43
C VAL B 155 -0.57 -8.00 -8.58
N ILE B 156 0.44 -7.19 -8.28
CA ILE B 156 1.57 -7.62 -7.45
C ILE B 156 0.95 -7.97 -6.11
N ALA B 157 0.12 -7.08 -5.61
CA ALA B 157 -0.52 -7.27 -4.31
C ALA B 157 -1.40 -8.53 -4.27
N GLU B 158 -2.12 -8.77 -5.36
CA GLU B 158 -2.99 -9.92 -5.47
C GLU B 158 -2.12 -11.16 -5.49
N GLY B 159 -1.06 -11.11 -6.26
CA GLY B 159 -0.14 -12.25 -6.36
C GLY B 159 0.54 -12.57 -5.05
N GLU B 160 0.75 -11.54 -4.22
CA GLU B 160 1.39 -11.72 -2.92
C GLU B 160 0.44 -12.50 -2.02
N VAL B 161 -0.84 -12.16 -2.07
CA VAL B 161 -1.82 -12.88 -1.26
C VAL B 161 -2.05 -14.31 -1.79
N LEU B 162 -1.94 -14.50 -3.10
CA LEU B 162 -2.12 -15.83 -3.68
C LEU B 162 -1.00 -16.72 -3.18
N GLN B 163 0.19 -16.16 -3.08
CA GLN B 163 1.35 -16.88 -2.59
C GLN B 163 1.15 -17.23 -1.11
N LEU B 164 0.51 -16.33 -0.37
CA LEU B 164 0.22 -16.56 1.06
C LEU B 164 -0.65 -17.80 1.20
N MET B 165 -1.66 -17.89 0.35
CA MET B 165 -2.61 -19.00 0.35
C MET B 165 -1.96 -20.31 -0.06
N ASN B 166 -0.95 -20.25 -0.92
CA ASN B 166 -0.27 -21.46 -1.41
C ASN B 166 0.71 -22.05 -0.41
N VAL B 167 0.99 -21.34 0.67
CA VAL B 167 1.92 -21.86 1.67
C VAL B 167 1.42 -23.18 2.26
N ASN B 168 2.25 -24.21 2.18
CA ASN B 168 1.91 -25.54 2.70
C ASN B 168 0.88 -26.29 1.86
N ASP B 169 0.60 -25.81 0.65
CA ASP B 169 -0.35 -26.49 -0.25
C ASP B 169 0.38 -27.12 -1.43
N PRO B 170 0.58 -28.44 -1.40
CA PRO B 170 1.28 -29.18 -2.46
C PRO B 170 0.45 -29.47 -3.70
N ASP B 171 -0.81 -29.06 -3.70
CA ASP B 171 -1.67 -29.36 -4.84
C ASP B 171 -1.97 -28.24 -5.81
N ILE B 172 -1.17 -27.18 -5.82
CA ILE B 172 -1.46 -26.12 -6.77
C ILE B 172 -0.99 -26.57 -8.16
N THR B 173 -1.76 -26.20 -9.17
CA THR B 173 -1.44 -26.51 -10.56
C THR B 173 -0.25 -25.64 -10.97
N GLU B 174 0.44 -25.99 -12.05
CA GLU B 174 1.56 -25.15 -12.45
C GLU B 174 1.01 -23.86 -13.07
N GLU B 175 -0.31 -23.81 -13.27
CA GLU B 175 -0.95 -22.60 -13.79
C GLU B 175 -0.96 -21.58 -12.65
N ASN B 176 -1.34 -22.05 -11.48
CA ASN B 176 -1.37 -21.21 -10.29
C ASN B 176 0.04 -20.68 -10.08
N TYR B 177 1.00 -21.59 -10.00
CA TYR B 177 2.39 -21.21 -9.80
C TYR B 177 2.88 -20.16 -10.79
N MET B 178 2.62 -20.39 -12.08
CA MET B 178 3.04 -19.44 -13.11
C MET B 178 2.34 -18.10 -12.90
N ARG B 179 1.08 -18.14 -12.50
CA ARG B 179 0.35 -16.90 -12.25
C ARG B 179 1.02 -16.17 -11.08
N VAL B 180 1.64 -16.93 -10.19
CA VAL B 180 2.32 -16.34 -9.05
C VAL B 180 3.58 -15.59 -9.45
N ILE B 181 4.46 -16.25 -10.20
CA ILE B 181 5.69 -15.58 -10.61
C ILE B 181 5.37 -14.40 -11.50
N TYR B 182 4.48 -14.57 -12.47
CA TYR B 182 4.11 -13.44 -13.32
C TYR B 182 3.60 -12.31 -12.45
N SER B 183 2.70 -12.65 -11.53
CA SER B 183 2.10 -11.66 -10.65
C SER B 183 3.06 -10.92 -9.73
N LYS B 184 3.85 -11.67 -8.96
CA LYS B 184 4.75 -11.03 -8.01
C LYS B 184 6.08 -10.50 -8.53
N THR B 185 6.53 -10.98 -9.68
CA THR B 185 7.80 -10.55 -10.26
C THR B 185 7.73 -9.93 -11.65
N ALA B 186 7.29 -10.74 -12.60
CA ALA B 186 7.20 -10.33 -13.99
C ALA B 186 6.41 -9.06 -14.22
N ARG B 187 5.25 -8.95 -13.59
CA ARG B 187 4.39 -7.79 -13.80
C ARG B 187 5.11 -6.45 -13.64
N LEU B 188 5.99 -6.34 -12.65
CA LEU B 188 6.72 -5.09 -12.43
C LEU B 188 7.68 -4.85 -13.59
N PHE B 189 8.43 -5.87 -13.98
CA PHE B 189 9.37 -5.75 -15.11
C PHE B 189 8.59 -5.28 -16.34
N GLU B 190 7.43 -5.89 -16.55
CA GLU B 190 6.58 -5.56 -17.68
C GLU B 190 6.18 -4.11 -17.63
N ALA B 191 5.70 -3.68 -16.46
CA ALA B 191 5.27 -2.31 -16.28
C ALA B 191 6.41 -1.33 -16.50
N ALA B 192 7.58 -1.64 -15.96
CA ALA B 192 8.74 -0.76 -16.10
C ALA B 192 9.04 -0.52 -17.55
N ALA B 193 9.20 -1.60 -18.30
CA ALA B 193 9.51 -1.53 -19.71
C ALA B 193 8.47 -0.75 -20.46
N GLN B 194 7.21 -1.14 -20.29
CA GLN B 194 6.09 -0.51 -21.00
C GLN B 194 5.88 0.96 -20.68
N CYS B 195 6.01 1.35 -19.42
CA CYS B 195 5.80 2.75 -19.07
C CYS B 195 6.86 3.68 -19.61
N SER B 196 8.10 3.18 -19.70
CA SER B 196 9.17 3.97 -20.26
C SER B 196 8.86 4.25 -21.71
N GLY B 197 8.37 3.22 -22.41
CA GLY B 197 8.00 3.36 -23.80
C GLY B 197 6.81 4.30 -23.98
N ILE B 198 5.83 4.21 -23.08
CA ILE B 198 4.65 5.07 -23.14
C ILE B 198 5.07 6.52 -22.92
N LEU B 199 6.00 6.71 -21.99
CA LEU B 199 6.52 8.04 -21.67
C LEU B 199 7.31 8.61 -22.85
N ALA B 200 8.10 7.76 -23.47
CA ALA B 200 8.90 8.14 -24.61
C ALA B 200 8.02 8.32 -25.83
N GLY B 201 6.73 8.09 -25.66
CA GLY B 201 5.81 8.24 -26.78
C GLY B 201 6.12 7.32 -27.95
N CYS B 202 6.73 6.18 -27.67
CA CYS B 202 7.07 5.23 -28.71
C CYS B 202 5.79 4.76 -29.39
N THR B 203 5.93 3.93 -30.42
CA THR B 203 4.79 3.43 -31.15
C THR B 203 4.21 2.15 -30.54
N PRO B 204 2.92 1.88 -30.80
CA PRO B 204 2.23 0.70 -30.28
C PRO B 204 3.06 -0.58 -30.42
N GLU B 205 3.64 -0.75 -31.60
CA GLU B 205 4.45 -1.93 -31.86
C GLU B 205 5.64 -1.98 -30.90
N GLU B 206 6.29 -0.84 -30.70
CA GLU B 206 7.44 -0.73 -29.81
C GLU B 206 7.04 -0.97 -28.35
N GLU B 207 5.95 -0.34 -27.94
CA GLU B 207 5.43 -0.46 -26.59
C GLU B 207 5.15 -1.92 -26.28
N LYS B 208 4.46 -2.58 -27.20
CA LYS B 208 4.11 -3.98 -27.04
C LYS B 208 5.35 -4.86 -27.03
N GLY B 209 6.42 -4.40 -27.67
CA GLY B 209 7.64 -5.17 -27.68
C GLY B 209 8.34 -5.00 -26.34
N LEU B 210 8.37 -3.77 -25.84
CA LEU B 210 9.00 -3.51 -24.55
C LEU B 210 8.19 -4.28 -23.51
N GLN B 211 6.88 -4.07 -23.57
CA GLN B 211 5.94 -4.70 -22.66
C GLN B 211 6.18 -6.19 -22.52
N ASP B 212 6.26 -6.89 -23.66
CA ASP B 212 6.48 -8.33 -23.66
C ASP B 212 7.84 -8.69 -23.11
N TYR B 213 8.85 -7.93 -23.50
CA TYR B 213 10.22 -8.18 -23.03
C TYR B 213 10.27 -8.16 -21.51
N GLY B 214 9.51 -7.25 -20.90
CA GLY B 214 9.50 -7.18 -19.45
C GLY B 214 8.88 -8.43 -18.88
N ARG B 215 7.72 -8.81 -19.41
CA ARG B 215 7.02 -9.98 -18.94
C ARG B 215 7.87 -11.23 -19.00
N TYR B 216 8.42 -11.52 -20.16
CA TYR B 216 9.25 -12.71 -20.31
C TYR B 216 10.51 -12.68 -19.46
N LEU B 217 11.19 -11.55 -19.43
CA LEU B 217 12.40 -11.45 -18.64
C LEU B 217 12.04 -11.57 -17.16
N GLY B 218 10.94 -10.93 -16.79
CA GLY B 218 10.49 -10.99 -15.42
C GLY B 218 10.26 -12.43 -15.05
N THR B 219 9.67 -13.18 -15.97
CA THR B 219 9.39 -14.60 -15.72
C THR B 219 10.68 -15.39 -15.58
N ALA B 220 11.57 -15.28 -16.56
CA ALA B 220 12.84 -15.97 -16.50
C ALA B 220 13.56 -15.63 -15.20
N PHE B 221 13.53 -14.35 -14.84
CA PHE B 221 14.20 -13.88 -13.64
C PHE B 221 13.72 -14.62 -12.39
N GLN B 222 12.42 -14.87 -12.28
CA GLN B 222 11.90 -15.57 -11.12
C GLN B 222 12.14 -17.07 -11.13
N LEU B 223 12.15 -17.67 -12.33
CA LEU B 223 12.40 -19.09 -12.43
C LEU B 223 13.85 -19.37 -12.08
N ILE B 224 14.77 -18.48 -12.47
CA ILE B 224 16.18 -18.69 -12.15
C ILE B 224 16.34 -18.58 -10.64
N ASP B 225 15.59 -17.64 -10.06
CA ASP B 225 15.61 -17.38 -8.63
C ASP B 225 15.11 -18.58 -7.84
N ASP B 226 13.99 -19.15 -8.28
CA ASP B 226 13.43 -20.29 -7.58
C ASP B 226 14.33 -21.52 -7.63
N LEU B 227 14.99 -21.76 -8.75
CA LEU B 227 15.86 -22.93 -8.81
C LEU B 227 17.16 -22.69 -8.05
N LEU B 228 17.66 -21.46 -8.09
CA LEU B 228 18.90 -21.14 -7.38
C LEU B 228 18.71 -21.34 -5.89
N ASP B 229 17.46 -21.22 -5.44
CA ASP B 229 17.13 -21.38 -4.04
C ASP B 229 17.47 -22.80 -3.60
N TYR B 230 17.68 -23.70 -4.55
CA TYR B 230 18.02 -25.08 -4.24
C TYR B 230 19.50 -25.42 -4.46
N ASN B 231 20.20 -24.63 -5.27
CA ASN B 231 21.63 -24.88 -5.54
C ASN B 231 22.45 -23.59 -5.69
N ALA B 232 23.40 -23.59 -6.62
CA ALA B 232 24.26 -22.43 -6.87
C ALA B 232 25.21 -22.15 -5.70
N ASP B 233 26.25 -21.37 -5.99
CA ASP B 233 27.27 -21.00 -5.01
C ASP B 233 27.89 -22.30 -4.51
N GLY B 234 27.97 -23.28 -5.41
CA GLY B 234 28.52 -24.58 -5.07
C GLY B 234 27.65 -25.72 -5.59
N LYS B 239 19.39 -15.92 0.32
CA LYS B 239 20.52 -16.25 1.21
C LYS B 239 21.10 -17.63 0.97
N ASN B 240 20.59 -18.61 1.71
CA ASN B 240 21.08 -19.97 1.58
C ASN B 240 19.98 -20.91 1.09
N VAL B 241 20.39 -21.96 0.40
CA VAL B 241 19.46 -22.93 -0.15
C VAL B 241 18.58 -23.54 0.94
N GLY B 242 17.41 -24.01 0.54
CA GLY B 242 16.53 -24.65 1.49
C GLY B 242 15.43 -23.79 2.09
N ASP B 243 15.54 -22.47 1.95
CA ASP B 243 14.55 -21.55 2.49
C ASP B 243 13.12 -21.82 2.00
N ASP B 244 12.94 -21.85 0.69
CA ASP B 244 11.63 -22.12 0.12
C ASP B 244 11.08 -23.45 0.62
N LEU B 245 11.94 -24.46 0.68
CA LEU B 245 11.56 -25.79 1.16
C LEU B 245 11.17 -25.72 2.63
N ASN B 246 12.00 -25.04 3.42
CA ASN B 246 11.77 -24.89 4.84
C ASN B 246 10.51 -24.09 5.16
N GLU B 247 10.15 -23.18 4.27
CA GLU B 247 8.95 -22.37 4.49
C GLU B 247 7.71 -23.07 4.00
N GLY B 248 7.89 -24.21 3.34
CA GLY B 248 6.74 -24.93 2.82
C GLY B 248 6.15 -24.13 1.68
N LYS B 249 7.04 -23.57 0.86
CA LYS B 249 6.64 -22.77 -0.30
C LYS B 249 6.87 -23.59 -1.56
N PRO B 250 5.79 -23.98 -2.24
CA PRO B 250 5.89 -24.77 -3.46
C PRO B 250 6.30 -23.99 -4.71
N THR B 251 7.52 -24.22 -5.18
CA THR B 251 8.00 -23.57 -6.40
C THR B 251 8.20 -24.62 -7.51
N LEU B 252 8.06 -24.19 -8.75
CA LEU B 252 8.18 -25.06 -9.91
C LEU B 252 9.08 -26.29 -9.80
N PRO B 253 10.33 -26.13 -9.38
CA PRO B 253 11.16 -27.33 -9.29
C PRO B 253 10.72 -28.33 -8.25
N LEU B 254 10.29 -27.85 -7.09
CA LEU B 254 9.85 -28.75 -6.03
C LEU B 254 8.59 -29.48 -6.48
N LEU B 255 7.67 -28.76 -7.12
CA LEU B 255 6.44 -29.34 -7.62
C LEU B 255 6.73 -30.38 -8.71
N HIS B 256 7.63 -30.03 -9.64
CA HIS B 256 7.99 -30.92 -10.73
C HIS B 256 8.55 -32.24 -10.22
N ALA B 257 9.48 -32.18 -9.28
CA ALA B 257 10.06 -33.40 -8.74
C ALA B 257 8.92 -34.23 -8.15
N MET B 258 8.00 -33.56 -7.47
CA MET B 258 6.88 -34.26 -6.85
C MET B 258 5.97 -34.95 -7.86
N HIS B 259 5.72 -34.31 -8.99
CA HIS B 259 4.85 -34.92 -10.00
C HIS B 259 5.58 -35.89 -10.90
N HIS B 260 6.91 -35.83 -10.93
CA HIS B 260 7.69 -36.70 -11.79
C HIS B 260 8.61 -37.67 -11.07
N GLY B 261 8.60 -37.67 -9.75
CA GLY B 261 9.47 -38.57 -9.01
C GLY B 261 8.82 -39.89 -8.65
N THR B 262 9.55 -40.73 -7.93
CA THR B 262 9.01 -42.01 -7.50
C THR B 262 7.98 -41.71 -6.41
N PRO B 263 7.03 -42.63 -6.21
CA PRO B 263 6.01 -42.40 -5.17
C PRO B 263 6.61 -42.06 -3.81
N GLU B 264 7.69 -42.74 -3.41
CA GLU B 264 8.32 -42.44 -2.12
C GLU B 264 8.79 -40.99 -2.09
N GLN B 265 9.42 -40.55 -3.17
CA GLN B 265 9.92 -39.18 -3.26
C GLN B 265 8.78 -38.18 -3.30
N ALA B 266 7.70 -38.51 -4.01
CA ALA B 266 6.53 -37.64 -4.12
C ALA B 266 5.79 -37.49 -2.80
N GLN B 267 6.00 -38.45 -1.91
CA GLN B 267 5.34 -38.44 -0.60
C GLN B 267 6.15 -37.62 0.39
N MET B 268 7.48 -37.72 0.29
CA MET B 268 8.38 -36.98 1.16
C MET B 268 8.27 -35.49 0.89
N ILE B 269 8.15 -35.16 -0.40
CA ILE B 269 8.02 -33.78 -0.85
C ILE B 269 6.62 -33.29 -0.53
N ARG B 270 5.66 -34.20 -0.52
CA ARG B 270 4.30 -33.80 -0.20
C ARG B 270 4.25 -33.43 1.27
N THR B 271 4.92 -34.24 2.09
CA THR B 271 4.96 -34.01 3.52
C THR B 271 5.79 -32.78 3.88
N ALA B 272 6.87 -32.56 3.14
CA ALA B 272 7.74 -31.41 3.42
C ALA B 272 7.02 -30.07 3.23
N ILE B 273 6.11 -30.02 2.25
CA ILE B 273 5.36 -28.82 1.95
C ILE B 273 4.26 -28.58 2.98
N GLU B 274 3.64 -29.66 3.42
CA GLU B 274 2.55 -29.57 4.40
C GLU B 274 3.04 -29.22 5.80
N GLN B 275 4.15 -29.82 6.19
CA GLN B 275 4.70 -29.58 7.52
C GLN B 275 5.61 -28.38 7.65
N GLY B 276 6.44 -28.14 6.64
CA GLY B 276 7.37 -27.04 6.69
C GLY B 276 8.55 -27.47 7.55
N ASN B 277 9.53 -26.60 7.72
CA ASN B 277 10.72 -26.91 8.52
C ASN B 277 11.49 -28.12 8.01
N GLY B 278 11.33 -28.44 6.73
CA GLY B 278 12.03 -29.56 6.16
C GLY B 278 13.35 -29.22 5.48
N ARG B 279 14.11 -28.28 6.05
CA ARG B 279 15.39 -27.90 5.47
C ARG B 279 16.36 -29.07 5.55
N HIS B 280 16.14 -29.94 6.53
CA HIS B 280 16.97 -31.12 6.72
C HIS B 280 16.70 -32.17 5.64
N LEU B 281 15.72 -31.92 4.78
CA LEU B 281 15.37 -32.84 3.69
C LEU B 281 15.92 -32.32 2.35
N LEU B 282 16.75 -31.29 2.42
CA LEU B 282 17.32 -30.73 1.19
C LEU B 282 18.07 -31.77 0.36
N GLU B 283 18.87 -32.60 1.01
CA GLU B 283 19.64 -33.61 0.29
C GLU B 283 18.74 -34.59 -0.45
N PRO B 284 17.81 -35.27 0.26
CA PRO B 284 16.93 -36.23 -0.41
C PRO B 284 16.11 -35.58 -1.53
N VAL B 285 15.67 -34.35 -1.28
CA VAL B 285 14.86 -33.62 -2.25
C VAL B 285 15.70 -33.35 -3.47
N LEU B 286 16.92 -32.88 -3.25
CA LEU B 286 17.82 -32.58 -4.35
C LEU B 286 18.01 -33.85 -5.21
N GLU B 287 18.09 -35.01 -4.56
CA GLU B 287 18.27 -36.26 -5.29
C GLU B 287 17.02 -36.53 -6.11
N ALA B 288 15.86 -36.23 -5.56
CA ALA B 288 14.63 -36.45 -6.30
C ALA B 288 14.63 -35.53 -7.53
N MET B 289 15.07 -34.29 -7.34
CA MET B 289 15.11 -33.35 -8.44
C MET B 289 16.04 -33.79 -9.56
N ASN B 290 17.29 -34.11 -9.20
CA ASN B 290 18.29 -34.54 -10.18
C ASN B 290 17.81 -35.78 -10.95
N ALA B 291 17.08 -36.66 -10.26
CA ALA B 291 16.59 -37.88 -10.87
C ALA B 291 15.65 -37.63 -12.05
N CYS B 292 14.71 -36.70 -11.93
CA CYS B 292 13.81 -36.43 -13.05
C CYS B 292 14.16 -35.17 -13.86
N GLY B 293 15.24 -34.50 -13.48
CA GLY B 293 15.67 -33.31 -14.21
C GLY B 293 14.88 -32.06 -13.91
N SER B 294 14.30 -32.00 -12.70
CA SER B 294 13.53 -30.84 -12.28
C SER B 294 14.31 -29.54 -12.39
N LEU B 295 15.51 -29.48 -11.83
CA LEU B 295 16.33 -28.27 -11.89
C LEU B 295 16.66 -27.86 -13.34
N GLU B 296 17.25 -28.76 -14.13
CA GLU B 296 17.59 -28.46 -15.52
C GLU B 296 16.32 -28.10 -16.30
N TRP B 297 15.23 -28.79 -15.99
CA TRP B 297 13.94 -28.57 -16.64
C TRP B 297 13.46 -27.13 -16.42
N THR B 298 13.74 -26.58 -15.23
CA THR B 298 13.32 -25.23 -14.91
C THR B 298 14.24 -24.19 -15.55
N ARG B 299 15.55 -24.47 -15.55
CA ARG B 299 16.52 -23.58 -16.15
C ARG B 299 16.20 -23.52 -17.63
N GLN B 300 15.77 -24.66 -18.16
CA GLN B 300 15.40 -24.78 -19.56
C GLN B 300 14.26 -23.82 -19.86
N ARG B 301 13.22 -23.90 -19.03
CA ARG B 301 12.04 -23.06 -19.18
C ARG B 301 12.37 -21.58 -19.04
N ALA B 302 13.37 -21.26 -18.21
CA ALA B 302 13.78 -19.87 -18.01
C ALA B 302 14.53 -19.37 -19.24
N GLU B 303 15.49 -20.16 -19.72
CA GLU B 303 16.27 -19.81 -20.91
C GLU B 303 15.31 -19.56 -22.07
N GLU B 304 14.21 -20.29 -22.06
CA GLU B 304 13.19 -20.20 -23.09
C GLU B 304 12.38 -18.91 -22.95
N GLU B 305 12.21 -18.47 -21.71
CA GLU B 305 11.48 -17.24 -21.46
C GLU B 305 12.38 -16.08 -21.85
N ALA B 306 13.66 -16.23 -21.56
CA ALA B 306 14.65 -15.20 -21.90
C ALA B 306 14.73 -14.95 -23.40
N ASP B 307 14.76 -16.02 -24.20
CA ASP B 307 14.84 -15.88 -25.66
C ASP B 307 13.60 -15.20 -26.17
N LYS B 308 12.48 -15.51 -25.53
CA LYS B 308 11.21 -14.94 -25.93
C LYS B 308 11.22 -13.43 -25.65
N ALA B 309 11.93 -13.03 -24.61
CA ALA B 309 12.04 -11.60 -24.26
C ALA B 309 12.93 -10.92 -25.30
N ILE B 310 13.99 -11.61 -25.71
CA ILE B 310 14.89 -11.07 -26.70
C ILE B 310 14.17 -10.97 -28.07
N ALA B 311 13.27 -11.91 -28.33
CA ALA B 311 12.51 -11.90 -29.58
C ALA B 311 11.63 -10.65 -29.69
N ALA B 312 10.98 -10.31 -28.58
CA ALA B 312 10.09 -9.16 -28.54
C ALA B 312 10.80 -7.86 -28.93
N LEU B 313 12.05 -7.70 -28.48
CA LEU B 313 12.84 -6.51 -28.75
C LEU B 313 13.28 -6.32 -30.21
N GLN B 314 13.19 -7.37 -31.01
CA GLN B 314 13.62 -7.28 -32.42
C GLN B 314 12.83 -6.23 -33.19
N VAL B 315 11.70 -5.81 -32.63
CA VAL B 315 10.88 -4.81 -33.28
C VAL B 315 11.33 -3.39 -32.93
N LEU B 316 12.47 -3.27 -32.25
CA LEU B 316 13.02 -1.98 -31.87
C LEU B 316 14.31 -1.67 -32.61
N PRO B 317 14.55 -0.40 -32.93
CA PRO B 317 15.77 -0.01 -33.64
C PRO B 317 17.02 -0.58 -32.98
N ASP B 318 17.89 -1.17 -33.80
CA ASP B 318 19.12 -1.73 -33.29
C ASP B 318 19.98 -0.61 -32.75
N THR B 319 20.15 -0.58 -31.43
CA THR B 319 20.98 0.45 -30.79
C THR B 319 21.73 -0.16 -29.63
N PRO B 320 22.68 0.58 -29.08
CA PRO B 320 23.47 0.08 -27.94
C PRO B 320 22.56 -0.20 -26.75
N TRP B 321 21.45 0.52 -26.64
CA TRP B 321 20.54 0.30 -25.54
C TRP B 321 19.76 -1.01 -25.73
N ARG B 322 19.41 -1.33 -26.97
CA ARG B 322 18.70 -2.58 -27.22
C ARG B 322 19.66 -3.73 -26.93
N GLU B 323 20.95 -3.47 -27.17
CA GLU B 323 22.01 -4.46 -26.92
C GLU B 323 22.12 -4.68 -25.41
N ALA B 324 21.90 -3.63 -24.63
CA ALA B 324 21.98 -3.70 -23.18
C ALA B 324 20.80 -4.45 -22.61
N LEU B 325 19.62 -4.18 -23.13
CA LEU B 325 18.42 -4.86 -22.69
C LEU B 325 18.61 -6.36 -22.96
N ILE B 326 19.14 -6.68 -24.15
CA ILE B 326 19.40 -8.07 -24.51
C ILE B 326 20.44 -8.71 -23.58
N GLY B 327 21.49 -7.97 -23.25
CA GLY B 327 22.51 -8.48 -22.37
C GLY B 327 21.91 -8.90 -21.04
N LEU B 328 21.03 -8.04 -20.51
CA LEU B 328 20.37 -8.32 -19.24
C LEU B 328 19.52 -9.60 -19.31
N ALA B 329 18.94 -9.88 -20.46
CA ALA B 329 18.14 -11.09 -20.60
C ALA B 329 19.07 -12.29 -20.56
N HIS B 330 20.22 -12.17 -21.22
CA HIS B 330 21.19 -13.24 -21.22
C HIS B 330 21.75 -13.47 -19.83
N ILE B 331 22.22 -12.40 -19.20
CA ILE B 331 22.78 -12.49 -17.85
C ILE B 331 21.81 -13.08 -16.83
N ALA B 332 20.53 -12.75 -16.97
CA ALA B 332 19.52 -13.23 -16.05
C ALA B 332 19.40 -14.75 -16.02
N VAL B 333 19.84 -15.41 -17.09
CA VAL B 333 19.73 -16.86 -17.16
C VAL B 333 21.02 -17.58 -17.48
N GLN B 334 22.16 -16.98 -17.16
CA GLN B 334 23.39 -17.67 -17.53
C GLN B 334 24.18 -18.48 -16.54
N ARG B 335 24.61 -19.63 -17.04
CA ARG B 335 25.42 -20.61 -16.32
C ARG B 335 25.74 -21.69 -17.37
O1 IPE C . -4.67 5.54 16.71
PA IPE C . -5.51 4.16 16.84
O1A IPE C . -6.11 4.15 18.33
O2A IPE C . -4.67 2.97 16.56
O3A IPE C . -6.75 4.31 15.82
PB IPE C . -6.39 4.83 14.35
O1B IPE C . -4.95 5.13 14.22
O2B IPE C . -6.87 3.68 13.32
O3B IPE C . -7.33 6.11 14.07
C1 IPE D . -12.64 6.58 13.65
O1 IPE D . -13.08 6.78 12.30
C2 IPE D . -11.19 6.08 13.62
C3 IPE D . -10.30 7.16 13.01
C4 IPE D . -9.74 8.23 13.94
C5 IPE D . -9.48 6.81 11.76
PA IPE D . -14.26 5.88 11.68
O1A IPE D . -15.58 6.15 12.57
O2A IPE D . -14.51 6.14 10.25
O3A IPE D . -13.85 4.34 11.94
PB IPE D . -14.92 3.17 11.70
O1B IPE D . -14.62 2.64 10.22
O2B IPE D . -16.31 3.63 11.90
O3B IPE D . -14.49 1.97 12.69
#